data_3OH0
#
_entry.id   3OH0
#
_cell.length_a   106.880
_cell.length_b   122.482
_cell.length_c   60.851
_cell.angle_alpha   90.000
_cell.angle_beta   105.220
_cell.angle_gamma   90.000
#
_symmetry.space_group_name_H-M   'C 1 2 1'
#
loop_
_entity.id
_entity.type
_entity.pdbx_description
1 polymer 'UDP-sugar pyrophosphorylase'
2 non-polymer "URIDINE 5'-TRIPHOSPHATE"
3 non-polymer GLYCEROL
4 water water
#
_entity_poly.entity_id   1
_entity_poly.type   'polypeptide(L)'
_entity_poly.pdbx_seq_one_letter_code
;MTNPSNSNLQALREELCTPGLDQGHLFEGWPETVDECNERQIALLTDLYMFSNMYPGGVAQYIRNGHELLARESEEVDFA
ALEMPPLIFEAPSLHRRTAERTALENAGTAMLCKTVFVLVAGGLGERLGYSSIKVSLPVETATNTTYLAYYLRWAQRVGG
KEVPFVIMTSDDTHDRTLQLLRELQLEVPNLHVLKQGQVFCFADSAAHLALDETGKLLRKPHGHGDVHSLIYNATVKRDV
VPDSGDGTATAQPLVNDWLAAGYESIVFIQDTNAGATITIPISLALSAEHSLDMNFTCIPRVPKEPIGLLCRTKKNSGDP
WLVANVEYNVFAEVSRALNKDGGDEVSDPTGFSPFPGSVNTLVFKLSSYVDRLRESHGIVPEFINPKYSDETRRSFKKPA
RIESLMQDIALLFSEDDYRVGGTVFERFSYQPVKNSLEEAAGLVAQGNGAYCAATGEAAFYELQRRRLKAIGLPLFYSSQ
PEVTVAKDAFGVRLFPIIVLDTVCASSGSLDDLARVFPTPEKVHIDQHSTLIVEGRVIIESLELYGALTIRGPTDSMALP
HVVRNAVVRNAGWSVHAILSLCAGRDSRLSEVDRIRGFVLKKTAMAVMDCNTKGESEAGAPSGAADPAKLMRRLEHHHHH
H
;
_entity_poly.pdbx_strand_id   A
#
# COMPACT_ATOMS: atom_id res chain seq x y z
N ASN A 3 35.84 -5.89 6.26
CA ASN A 3 35.47 -7.19 5.71
C ASN A 3 36.28 -7.56 4.46
N PRO A 4 36.01 -6.89 3.33
CA PRO A 4 36.66 -7.30 2.07
C PRO A 4 38.15 -6.96 2.03
N SER A 5 38.91 -7.73 1.25
CA SER A 5 40.36 -7.62 1.20
C SER A 5 40.86 -6.41 0.39
N ASN A 6 42.11 -6.04 0.65
CA ASN A 6 42.78 -4.99 -0.13
C ASN A 6 42.94 -5.39 -1.58
N SER A 7 43.15 -6.68 -1.82
CA SER A 7 43.34 -7.19 -3.18
C SER A 7 42.01 -7.33 -3.91
N ASN A 8 40.98 -7.75 -3.19
CA ASN A 8 39.66 -7.89 -3.78
C ASN A 8 39.11 -6.55 -4.24
N LEU A 9 39.39 -5.50 -3.46
CA LEU A 9 39.00 -4.15 -3.82
C LEU A 9 39.76 -3.70 -5.07
N GLN A 10 41.02 -4.12 -5.17
CA GLN A 10 41.83 -3.78 -6.33
C GLN A 10 41.31 -4.49 -7.57
N ALA A 11 41.05 -5.78 -7.44
CA ALA A 11 40.50 -6.57 -8.54
C ALA A 11 39.18 -5.97 -9.03
N LEU A 12 38.34 -5.54 -8.11
CA LEU A 12 37.05 -4.96 -8.48
C LEU A 12 37.23 -3.63 -9.21
N ARG A 13 38.08 -2.77 -8.65
CA ARG A 13 38.40 -1.50 -9.29
C ARG A 13 38.86 -1.73 -10.73
N GLU A 14 39.84 -2.61 -10.90
CA GLU A 14 40.35 -2.93 -12.22
C GLU A 14 39.24 -3.44 -13.12
N GLU A 15 38.40 -4.31 -12.58
CA GLU A 15 37.31 -4.90 -13.34
C GLU A 15 36.34 -3.85 -13.85
N LEU A 16 35.99 -2.91 -12.98
CA LEU A 16 35.04 -1.86 -13.31
C LEU A 16 35.57 -0.90 -14.38
N CYS A 17 36.87 -0.96 -14.64
CA CYS A 17 37.49 -0.08 -15.63
C CYS A 17 37.61 -0.75 -17.01
N THR A 18 37.01 -1.92 -17.16
CA THR A 18 37.12 -2.65 -18.41
C THR A 18 35.98 -2.28 -19.37
N PRO A 19 36.22 -2.41 -20.68
CA PRO A 19 35.21 -2.11 -21.69
C PRO A 19 33.87 -2.79 -21.40
N GLY A 20 32.78 -2.02 -21.51
CA GLY A 20 31.46 -2.54 -21.19
C GLY A 20 31.06 -2.16 -19.77
N LEU A 21 32.05 -1.84 -18.94
CA LEU A 21 31.78 -1.36 -17.58
C LEU A 21 32.17 0.11 -17.46
N ASP A 22 33.41 0.41 -17.82
CA ASP A 22 33.84 1.79 -18.04
C ASP A 22 33.49 2.75 -16.90
N GLN A 23 33.87 2.38 -15.68
CA GLN A 23 33.65 3.25 -14.52
C GLN A 23 34.96 3.94 -14.11
N GLY A 24 35.82 4.23 -15.09
CA GLY A 24 37.08 4.88 -14.83
C GLY A 24 36.91 6.23 -14.16
N HIS A 25 35.80 6.89 -14.44
CA HIS A 25 35.53 8.23 -13.91
C HIS A 25 35.43 8.24 -12.39
N LEU A 26 35.23 7.06 -11.80
CA LEU A 26 35.08 6.95 -10.35
C LEU A 26 36.42 7.00 -9.62
N PHE A 27 37.50 6.71 -10.34
CA PHE A 27 38.81 6.63 -9.72
C PHE A 27 39.75 7.68 -10.30
N GLU A 28 39.15 8.77 -10.76
CA GLU A 28 39.90 9.86 -11.38
C GLU A 28 40.95 10.41 -10.43
N GLY A 29 42.22 10.18 -10.73
CA GLY A 29 43.31 10.72 -9.94
C GLY A 29 43.64 9.95 -8.69
N TRP A 30 43.24 8.68 -8.64
CA TRP A 30 43.61 7.82 -7.53
C TRP A 30 45.02 7.26 -7.74
N PRO A 31 45.68 6.87 -6.65
CA PRO A 31 46.99 6.21 -6.77
C PRO A 31 46.85 4.82 -7.40
N GLU A 32 47.97 4.14 -7.61
CA GLU A 32 47.97 2.89 -8.36
C GLU A 32 47.31 1.72 -7.62
N THR A 33 47.64 1.54 -6.35
CA THR A 33 47.10 0.42 -5.59
C THR A 33 46.28 0.87 -4.38
N VAL A 34 45.59 -0.07 -3.77
CA VAL A 34 44.70 0.22 -2.64
C VAL A 34 45.45 0.81 -1.46
N ASP A 35 46.61 0.24 -1.14
CA ASP A 35 47.41 0.69 0.00
C ASP A 35 47.61 2.19 -0.05
N GLU A 36 47.88 2.69 -1.25
CA GLU A 36 48.18 4.10 -1.46
C GLU A 36 46.93 4.97 -1.36
N CYS A 37 45.76 4.34 -1.44
CA CYS A 37 44.49 5.06 -1.39
C CYS A 37 44.17 5.54 0.02
N ASN A 38 43.58 6.73 0.12
CA ASN A 38 43.16 7.26 1.41
C ASN A 38 41.88 6.59 1.88
N GLU A 39 41.51 6.84 3.12
CA GLU A 39 40.35 6.20 3.74
C GLU A 39 39.07 6.44 2.94
N ARG A 40 38.96 7.62 2.34
CA ARG A 40 37.76 7.99 1.60
C ARG A 40 37.61 7.14 0.34
N GLN A 41 38.70 7.06 -0.42
CA GLN A 41 38.73 6.26 -1.62
C GLN A 41 38.49 4.79 -1.28
N ILE A 42 39.23 4.30 -0.29
CA ILE A 42 39.04 2.95 0.21
C ILE A 42 37.58 2.69 0.56
N ALA A 43 36.89 3.72 1.04
CA ALA A 43 35.50 3.60 1.41
C ALA A 43 34.57 3.43 0.20
N LEU A 44 34.85 4.19 -0.86
CA LEU A 44 34.03 4.12 -2.06
C LEU A 44 34.15 2.75 -2.74
N LEU A 45 35.36 2.22 -2.78
CA LEU A 45 35.61 0.90 -3.36
C LEU A 45 34.91 -0.18 -2.54
N THR A 46 34.91 0.01 -1.22
CA THR A 46 34.23 -0.90 -0.31
C THR A 46 32.73 -0.88 -0.58
N ASP A 47 32.21 0.32 -0.78
CA ASP A 47 30.81 0.53 -1.06
C ASP A 47 30.41 -0.18 -2.36
N LEU A 48 31.27 -0.11 -3.37
CA LEU A 48 31.04 -0.81 -4.62
C LEU A 48 31.09 -2.33 -4.38
N TYR A 49 32.06 -2.75 -3.59
CA TYR A 49 32.31 -4.17 -3.35
C TYR A 49 31.19 -4.87 -2.57
N MET A 50 30.69 -4.21 -1.52
CA MET A 50 29.69 -4.81 -0.65
C MET A 50 28.32 -4.92 -1.32
N PHE A 51 28.16 -4.25 -2.45
CA PHE A 51 26.90 -4.26 -3.19
C PHE A 51 26.51 -5.68 -3.61
N SER A 52 27.51 -6.56 -3.72
CA SER A 52 27.28 -7.94 -4.10
C SER A 52 26.33 -8.66 -3.15
N ASN A 53 26.46 -8.37 -1.85
N ASN A 53 26.45 -8.40 -1.84
CA ASN A 53 25.61 -8.99 -0.83
CA ASN A 53 25.58 -9.06 -0.88
C ASN A 53 24.26 -8.31 -0.72
C ASN A 53 24.23 -8.34 -0.74
N MET A 54 23.88 -7.58 -1.77
CA MET A 54 22.64 -6.81 -1.76
C MET A 54 21.96 -6.92 -3.13
N TYR A 55 22.77 -7.16 -4.16
CA TYR A 55 22.27 -7.23 -5.52
C TYR A 55 22.90 -8.41 -6.25
N PRO A 56 22.09 -9.19 -6.97
CA PRO A 56 22.61 -10.39 -7.64
C PRO A 56 23.67 -10.04 -8.68
N GLY A 57 24.89 -10.51 -8.46
CA GLY A 57 26.00 -10.22 -9.37
C GLY A 57 26.75 -8.96 -8.99
N GLY A 58 26.26 -8.27 -7.95
CA GLY A 58 26.91 -7.06 -7.50
C GLY A 58 26.89 -5.95 -8.52
N VAL A 59 27.79 -4.99 -8.37
CA VAL A 59 27.77 -3.77 -9.15
C VAL A 59 28.08 -4.01 -10.63
N ALA A 60 28.93 -5.00 -10.92
CA ALA A 60 29.25 -5.33 -12.30
C ALA A 60 28.00 -5.77 -13.05
N GLN A 61 27.22 -6.65 -12.44
CA GLN A 61 26.00 -7.14 -13.07
C GLN A 61 24.94 -6.03 -13.13
N TYR A 62 24.95 -5.16 -12.13
CA TYR A 62 24.03 -4.03 -12.10
C TYR A 62 24.24 -3.14 -13.34
N ILE A 63 25.50 -2.86 -13.63
CA ILE A 63 25.88 -2.06 -14.80
C ILE A 63 25.47 -2.77 -16.09
N ARG A 64 25.78 -4.06 -16.18
N ARG A 64 25.75 -4.06 -16.18
CA ARG A 64 25.39 -4.85 -17.34
CA ARG A 64 25.38 -4.84 -17.36
C ARG A 64 23.86 -4.86 -17.51
C ARG A 64 23.86 -4.90 -17.52
N ASN A 65 23.14 -5.01 -16.41
CA ASN A 65 21.67 -5.00 -16.45
C ASN A 65 21.18 -3.65 -16.94
N GLY A 66 21.83 -2.59 -16.44
CA GLY A 66 21.52 -1.24 -16.85
C GLY A 66 21.61 -1.06 -18.35
N HIS A 67 22.70 -1.55 -18.95
CA HIS A 67 22.88 -1.46 -20.38
C HIS A 67 21.73 -2.12 -21.11
N GLU A 68 21.40 -3.35 -20.68
CA GLU A 68 20.34 -4.10 -21.32
C GLU A 68 19.01 -3.37 -21.23
N LEU A 69 18.69 -2.88 -20.04
CA LEU A 69 17.44 -2.18 -19.80
C LEU A 69 17.38 -0.82 -20.51
N LEU A 70 18.48 -0.09 -20.49
CA LEU A 70 18.53 1.21 -21.15
C LEU A 70 18.30 1.07 -22.66
N ALA A 71 18.88 0.03 -23.25
CA ALA A 71 18.63 -0.26 -24.66
C ALA A 71 17.17 -0.67 -24.84
N ARG A 72 16.69 -1.54 -23.97
CA ARG A 72 15.31 -2.02 -24.05
C ARG A 72 14.30 -0.89 -24.00
N GLU A 73 14.48 0.04 -23.05
CA GLU A 73 13.51 1.11 -22.85
C GLU A 73 13.60 2.19 -23.94
N SER A 74 14.71 2.24 -24.66
CA SER A 74 14.84 3.15 -25.80
C SER A 74 13.96 2.68 -26.94
N GLU A 75 13.56 1.40 -26.88
CA GLU A 75 12.73 0.79 -27.92
C GLU A 75 11.25 1.05 -27.66
N GLU A 76 10.40 0.45 -28.48
CA GLU A 76 8.96 0.57 -28.32
C GLU A 76 8.41 -0.66 -27.60
N VAL A 77 7.75 -0.44 -26.47
CA VAL A 77 7.10 -1.55 -25.77
C VAL A 77 5.94 -2.01 -26.64
N ASP A 78 5.77 -3.32 -26.76
CA ASP A 78 4.67 -3.87 -27.54
C ASP A 78 4.49 -5.36 -27.28
N PHE A 79 3.25 -5.80 -27.25
CA PHE A 79 2.96 -7.22 -27.13
C PHE A 79 2.42 -7.72 -28.47
N ALA A 80 2.69 -8.99 -28.77
CA ALA A 80 2.13 -9.60 -29.96
C ALA A 80 0.65 -9.91 -29.72
N ALA A 81 0.25 -9.92 -28.46
CA ALA A 81 -1.13 -10.20 -28.09
C ALA A 81 -1.50 -9.56 -26.75
N LEU A 82 -2.73 -9.07 -26.66
CA LEU A 82 -3.21 -8.41 -25.46
C LEU A 82 -4.74 -8.46 -25.43
N GLU A 83 -5.30 -9.00 -24.37
CA GLU A 83 -6.75 -9.12 -24.24
C GLU A 83 -7.19 -9.34 -22.80
N MET A 84 -8.50 -9.49 -22.62
CA MET A 84 -9.09 -9.67 -21.29
C MET A 84 -8.60 -10.97 -20.64
N PRO A 85 -8.22 -10.89 -19.36
CA PRO A 85 -7.87 -12.10 -18.61
C PRO A 85 -9.05 -13.07 -18.56
N PRO A 86 -8.79 -14.37 -18.71
CA PRO A 86 -9.87 -15.37 -18.64
C PRO A 86 -10.55 -15.41 -17.28
N LEU A 87 -9.76 -15.36 -16.21
CA LEU A 87 -10.31 -15.52 -14.87
C LEU A 87 -10.58 -14.19 -14.18
N ILE A 88 -11.67 -13.53 -14.57
CA ILE A 88 -12.10 -12.32 -13.89
C ILE A 88 -13.42 -12.60 -13.17
N PHE A 89 -13.50 -12.17 -11.91
CA PHE A 89 -14.65 -12.47 -11.08
C PHE A 89 -15.16 -11.20 -10.40
N GLU A 90 -16.46 -10.98 -10.46
CA GLU A 90 -17.06 -9.80 -9.86
C GLU A 90 -17.48 -10.05 -8.43
N ALA A 91 -17.02 -9.18 -7.53
CA ALA A 91 -17.40 -9.27 -6.12
C ALA A 91 -18.74 -8.58 -5.91
N PRO A 92 -19.59 -9.17 -5.06
CA PRO A 92 -20.87 -8.53 -4.72
C PRO A 92 -20.63 -7.25 -3.91
N SER A 93 -21.60 -6.36 -3.91
CA SER A 93 -21.49 -5.06 -3.25
C SER A 93 -21.15 -5.20 -1.77
N LEU A 94 -20.39 -4.23 -1.26
CA LEU A 94 -20.01 -4.22 0.16
C LEU A 94 -21.13 -3.65 1.03
N HIS A 95 -22.10 -2.99 0.41
CA HIS A 95 -23.19 -2.37 1.18
C HIS A 95 -24.53 -3.08 0.99
N ARG A 96 -24.48 -4.34 0.54
CA ARG A 96 -25.68 -5.16 0.40
C ARG A 96 -25.47 -6.51 1.08
N ARG A 97 -26.22 -6.75 2.15
CA ARG A 97 -26.08 -7.98 2.92
C ARG A 97 -26.87 -9.13 2.29
N THR A 98 -26.46 -9.53 1.08
CA THR A 98 -27.10 -10.64 0.39
C THR A 98 -26.57 -11.97 0.92
N ALA A 99 -27.25 -13.06 0.57
CA ALA A 99 -26.77 -14.39 0.95
C ALA A 99 -25.35 -14.61 0.44
N GLU A 100 -25.08 -14.16 -0.78
CA GLU A 100 -23.75 -14.31 -1.38
C GLU A 100 -22.68 -13.53 -0.63
N ARG A 101 -22.97 -12.26 -0.34
CA ARG A 101 -22.03 -11.43 0.41
C ARG A 101 -21.72 -12.09 1.74
N THR A 102 -22.77 -12.53 2.42
CA THR A 102 -22.64 -13.22 3.70
C THR A 102 -21.72 -14.43 3.57
N ALA A 103 -22.00 -15.29 2.59
CA ALA A 103 -21.19 -16.49 2.40
C ALA A 103 -19.72 -16.15 2.14
N LEU A 104 -19.47 -15.20 1.26
CA LEU A 104 -18.09 -14.82 0.96
C LEU A 104 -17.40 -14.21 2.17
N GLU A 105 -18.06 -13.30 2.86
CA GLU A 105 -17.47 -12.70 4.06
C GLU A 105 -17.08 -13.70 5.14
N ASN A 106 -18.00 -14.60 5.49
N ASN A 106 -17.99 -14.60 5.50
CA ASN A 106 -17.72 -15.55 6.54
CA ASN A 106 -17.68 -15.55 6.57
C ASN A 106 -16.68 -16.60 6.12
C ASN A 106 -16.74 -16.69 6.16
N ALA A 107 -16.74 -17.02 4.87
CA ALA A 107 -15.74 -17.93 4.32
C ALA A 107 -14.37 -17.26 4.34
N GLY A 108 -14.32 -16.01 3.87
CA GLY A 108 -13.08 -15.26 3.85
C GLY A 108 -12.56 -14.99 5.24
N THR A 109 -13.47 -14.72 6.16
CA THR A 109 -13.08 -14.44 7.54
C THR A 109 -12.41 -15.65 8.20
N ALA A 110 -12.95 -16.84 7.97
CA ALA A 110 -12.31 -18.04 8.46
C ALA A 110 -10.90 -18.17 7.87
N MET A 111 -10.77 -17.90 6.58
CA MET A 111 -9.48 -17.99 5.90
C MET A 111 -8.46 -16.97 6.43
N LEU A 112 -8.95 -15.87 6.97
CA LEU A 112 -8.06 -14.87 7.55
C LEU A 112 -7.23 -15.47 8.68
N CYS A 113 -7.74 -16.55 9.27
CA CYS A 113 -7.04 -17.25 10.34
C CYS A 113 -5.74 -17.92 9.88
N LYS A 114 -5.62 -18.17 8.59
CA LYS A 114 -4.44 -18.82 8.04
C LYS A 114 -3.78 -17.95 7.00
N THR A 115 -3.84 -16.64 7.23
CA THR A 115 -3.27 -15.69 6.28
C THR A 115 -2.04 -14.96 6.82
N VAL A 116 -1.01 -14.89 6.00
CA VAL A 116 0.16 -14.08 6.27
C VAL A 116 -0.05 -12.70 5.63
N PHE A 117 0.21 -11.64 6.38
CA PHE A 117 0.03 -10.28 5.87
C PHE A 117 1.36 -9.57 5.60
N VAL A 118 1.44 -8.89 4.47
CA VAL A 118 2.65 -8.14 4.13
C VAL A 118 2.30 -6.69 3.82
N LEU A 119 2.88 -5.78 4.58
CA LEU A 119 2.67 -4.35 4.37
C LEU A 119 3.91 -3.73 3.72
N VAL A 120 3.69 -3.13 2.56
CA VAL A 120 4.77 -2.49 1.82
C VAL A 120 4.83 -1.01 2.21
N ALA A 121 5.85 -0.60 2.95
CA ALA A 121 5.86 0.75 3.52
C ALA A 121 7.21 1.46 3.47
N GLY A 122 7.72 1.68 2.25
CA GLY A 122 9.00 2.36 2.08
C GLY A 122 8.91 3.79 1.57
N GLY A 123 7.85 4.53 1.90
CA GLY A 123 7.69 5.89 1.43
C GLY A 123 7.27 6.97 2.43
N LEU A 124 7.79 8.17 2.25
CA LEU A 124 7.30 9.33 3.00
C LEU A 124 6.13 9.95 2.26
N GLY A 125 5.34 10.76 2.94
CA GLY A 125 4.22 11.42 2.31
C GLY A 125 4.58 12.82 1.83
N GLU A 126 5.83 13.00 1.42
CA GLU A 126 6.31 14.32 1.02
C GLU A 126 5.47 14.86 -0.13
N ARG A 127 5.27 14.03 -1.15
CA ARG A 127 4.49 14.42 -2.32
C ARG A 127 3.09 14.90 -1.91
N LEU A 128 2.63 14.44 -0.75
CA LEU A 128 1.32 14.83 -0.22
C LEU A 128 1.42 16.18 0.51
N GLY A 129 2.63 16.48 0.98
CA GLY A 129 2.85 17.63 1.84
C GLY A 129 3.14 17.14 3.25
N TYR A 130 3.49 15.86 3.37
CA TYR A 130 3.68 15.20 4.66
C TYR A 130 5.13 14.73 4.84
N SER A 131 5.79 15.31 5.84
CA SER A 131 7.21 15.10 6.05
C SER A 131 7.54 13.73 6.66
N SER A 132 6.54 13.03 7.17
CA SER A 132 6.78 11.79 7.88
C SER A 132 6.36 10.58 7.07
N ILE A 133 6.45 9.41 7.68
CA ILE A 133 6.12 8.18 6.99
C ILE A 133 4.62 8.04 6.78
N LYS A 134 4.24 7.48 5.64
CA LYS A 134 2.85 7.44 5.27
C LYS A 134 2.00 6.61 6.23
N VAL A 135 2.55 5.54 6.81
CA VAL A 135 1.78 4.74 7.78
C VAL A 135 1.53 5.47 9.10
N SER A 136 2.16 6.63 9.30
CA SER A 136 1.90 7.45 10.48
C SER A 136 0.76 8.43 10.20
N LEU A 137 0.29 8.45 8.96
CA LEU A 137 -0.88 9.24 8.62
C LEU A 137 -2.08 8.63 9.34
N PRO A 138 -2.98 9.49 9.83
CA PRO A 138 -4.22 8.96 10.42
C PRO A 138 -5.19 8.53 9.32
N VAL A 139 -5.89 7.43 9.55
CA VAL A 139 -6.94 7.01 8.63
C VAL A 139 -8.08 8.03 8.69
N GLU A 140 -8.30 8.57 9.89
CA GLU A 140 -9.29 9.62 10.11
C GLU A 140 -8.90 10.37 11.38
N THR A 141 -9.31 11.64 11.48
CA THR A 141 -8.87 12.48 12.59
C THR A 141 -9.84 12.48 13.79
N ALA A 142 -10.93 11.75 13.66
CA ALA A 142 -11.83 11.57 14.80
C ALA A 142 -11.10 10.84 15.92
N THR A 143 -10.43 9.73 15.57
CA THR A 143 -9.66 8.97 16.55
C THR A 143 -8.15 9.10 16.32
N ASN A 144 -7.76 9.57 15.15
CA ASN A 144 -6.35 9.72 14.79
C ASN A 144 -5.58 8.39 14.69
N THR A 145 -6.32 7.28 14.64
CA THR A 145 -5.71 5.97 14.45
C THR A 145 -4.85 5.99 13.19
N THR A 146 -3.57 5.65 13.31
CA THR A 146 -2.66 5.66 12.17
C THR A 146 -2.95 4.48 11.24
N TYR A 147 -2.54 4.61 9.98
CA TYR A 147 -2.63 3.48 9.08
C TYR A 147 -1.91 2.27 9.65
N LEU A 148 -0.76 2.49 10.26
CA LEU A 148 0.01 1.37 10.82
C LEU A 148 -0.80 0.58 11.86
N ALA A 149 -1.36 1.28 12.84
CA ALA A 149 -2.13 0.62 13.89
C ALA A 149 -3.39 -0.02 13.30
N TYR A 150 -3.99 0.68 12.34
CA TYR A 150 -5.19 0.21 11.68
C TYR A 150 -4.99 -1.20 11.09
N TYR A 151 -3.94 -1.34 10.29
CA TYR A 151 -3.65 -2.64 9.67
C TYR A 151 -3.29 -3.69 10.71
N LEU A 152 -2.42 -3.30 11.65
CA LEU A 152 -1.86 -4.25 12.61
C LEU A 152 -2.91 -4.79 13.58
N ARG A 153 -3.79 -3.92 14.06
CA ARG A 153 -4.82 -4.36 15.00
C ARG A 153 -5.86 -5.23 14.30
N TRP A 154 -6.19 -4.88 13.06
CA TRP A 154 -7.11 -5.70 12.28
C TRP A 154 -6.53 -7.09 12.06
N ALA A 155 -5.26 -7.15 11.66
CA ALA A 155 -4.58 -8.42 11.44
C ALA A 155 -4.58 -9.25 12.72
N GLN A 156 -4.28 -8.60 13.85
CA GLN A 156 -4.25 -9.32 15.11
C GLN A 156 -5.64 -9.73 15.56
N ARG A 157 -6.64 -8.96 15.15
CA ARG A 157 -8.01 -9.33 15.45
C ARG A 157 -8.43 -10.59 14.67
N VAL A 158 -8.19 -10.59 13.36
CA VAL A 158 -8.66 -11.70 12.53
C VAL A 158 -7.72 -12.90 12.53
N GLY A 159 -6.46 -12.67 12.89
CA GLY A 159 -5.45 -13.72 12.87
C GLY A 159 -4.86 -14.02 14.24
N GLY A 160 -5.39 -13.38 15.28
CA GLY A 160 -4.90 -13.57 16.63
C GLY A 160 -3.62 -12.77 16.87
N LYS A 161 -3.22 -12.66 18.13
CA LYS A 161 -2.03 -11.88 18.50
C LYS A 161 -0.75 -12.29 17.77
N GLU A 162 -0.58 -13.59 17.55
CA GLU A 162 0.64 -14.12 16.93
C GLU A 162 0.59 -14.15 15.40
N VAL A 163 -0.30 -13.36 14.82
CA VAL A 163 -0.44 -13.32 13.37
C VAL A 163 0.89 -13.02 12.70
N PRO A 164 1.21 -13.78 11.63
CA PRO A 164 2.45 -13.52 10.87
C PRO A 164 2.29 -12.23 10.07
N PHE A 165 3.18 -11.26 10.27
CA PHE A 165 3.04 -9.96 9.63
C PHE A 165 4.40 -9.44 9.20
N VAL A 166 4.49 -8.99 7.95
CA VAL A 166 5.72 -8.40 7.44
C VAL A 166 5.49 -6.92 7.10
N ILE A 167 6.40 -6.07 7.52
CA ILE A 167 6.43 -4.70 7.00
C ILE A 167 7.74 -4.49 6.27
N MET A 168 7.66 -4.13 4.99
CA MET A 168 8.85 -3.75 4.25
C MET A 168 9.04 -2.26 4.41
N THR A 169 10.23 -1.89 4.88
CA THR A 169 10.58 -0.49 5.04
C THR A 169 11.74 -0.13 4.11
N SER A 170 12.21 1.11 4.22
CA SER A 170 13.38 1.56 3.48
C SER A 170 14.22 2.46 4.37
N ASP A 171 15.36 2.92 3.84
CA ASP A 171 16.21 3.87 4.54
C ASP A 171 15.41 5.08 5.02
N ASP A 172 14.45 5.50 4.20
CA ASP A 172 13.61 6.66 4.54
C ASP A 172 12.63 6.41 5.68
N THR A 173 12.08 5.20 5.76
CA THR A 173 10.97 4.94 6.69
C THR A 173 11.32 4.04 7.87
N HIS A 174 12.44 3.34 7.79
CA HIS A 174 12.73 2.26 8.72
C HIS A 174 12.76 2.67 10.19
N ASP A 175 13.67 3.58 10.54
CA ASP A 175 13.80 4.05 11.92
C ASP A 175 12.47 4.59 12.45
N ARG A 176 11.81 5.41 11.65
CA ARG A 176 10.55 5.99 12.07
C ARG A 176 9.46 4.94 12.25
N THR A 177 9.50 3.89 11.45
CA THR A 177 8.52 2.83 11.59
C THR A 177 8.69 2.12 12.93
N LEU A 178 9.93 1.79 13.29
CA LEU A 178 10.24 1.19 14.57
C LEU A 178 9.83 2.13 15.72
N GLN A 179 10.08 3.42 15.55
CA GLN A 179 9.68 4.43 16.51
C GLN A 179 8.16 4.42 16.72
N LEU A 180 7.41 4.40 15.62
CA LEU A 180 5.95 4.41 15.71
C LEU A 180 5.41 3.15 16.40
N LEU A 181 5.98 2.00 16.04
CA LEU A 181 5.59 0.73 16.69
C LEU A 181 5.73 0.85 18.21
N ARG A 182 6.89 1.34 18.65
N ARG A 182 6.89 1.35 18.64
CA ARG A 182 7.17 1.50 20.07
CA ARG A 182 7.22 1.53 20.05
C ARG A 182 6.23 2.50 20.73
C ARG A 182 6.26 2.51 20.73
N GLU A 183 6.10 3.67 20.12
CA GLU A 183 5.25 4.74 20.67
C GLU A 183 3.78 4.36 20.81
N LEU A 184 3.28 3.53 19.89
CA LEU A 184 1.89 3.09 19.95
C LEU A 184 1.73 1.87 20.85
N GLN A 185 2.84 1.38 21.39
CA GLN A 185 2.84 0.20 22.25
C GLN A 185 2.19 -1.01 21.59
N LEU A 186 2.45 -1.19 20.29
CA LEU A 186 1.97 -2.36 19.57
C LEU A 186 2.82 -3.60 19.89
N GLU A 187 2.17 -4.66 20.37
CA GLU A 187 2.87 -5.91 20.66
C GLU A 187 2.53 -6.97 19.61
N VAL A 188 3.43 -7.15 18.66
CA VAL A 188 3.22 -8.06 17.54
C VAL A 188 4.38 -9.06 17.48
N PRO A 189 4.24 -10.20 18.19
CA PRO A 189 5.29 -11.20 18.38
C PRO A 189 5.84 -11.75 17.06
N ASN A 190 4.98 -11.94 16.07
CA ASN A 190 5.44 -12.49 14.79
C ASN A 190 5.54 -11.46 13.68
N LEU A 191 5.92 -10.23 14.04
CA LEU A 191 6.16 -9.18 13.07
C LEU A 191 7.59 -9.24 12.57
N HIS A 192 7.76 -9.13 11.26
CA HIS A 192 9.08 -8.98 10.68
C HIS A 192 9.15 -7.70 9.87
N VAL A 193 10.08 -6.83 10.26
CA VAL A 193 10.31 -5.58 9.55
C VAL A 193 11.55 -5.79 8.68
N LEU A 194 11.35 -5.75 7.37
CA LEU A 194 12.43 -6.04 6.43
C LEU A 194 12.76 -4.79 5.62
N LYS A 195 13.99 -4.32 5.72
CA LYS A 195 14.38 -3.06 5.10
C LYS A 195 15.02 -3.29 3.73
N GLN A 196 14.43 -2.68 2.70
CA GLN A 196 14.97 -2.79 1.36
C GLN A 196 16.19 -1.90 1.22
N GLY A 197 17.15 -2.34 0.40
CA GLY A 197 18.37 -1.59 0.19
C GLY A 197 18.28 -0.79 -1.10
N GLN A 198 18.84 0.42 -1.08
CA GLN A 198 18.81 1.26 -2.25
C GLN A 198 19.90 0.83 -3.23
N VAL A 199 19.70 1.15 -4.50
CA VAL A 199 20.64 0.75 -5.52
C VAL A 199 21.33 1.95 -6.14
N PHE A 200 22.48 1.71 -6.76
CA PHE A 200 23.28 2.74 -7.42
C PHE A 200 22.49 3.39 -8.56
N CYS A 201 22.97 4.54 -9.04
CA CYS A 201 22.29 5.30 -10.08
C CYS A 201 23.19 5.57 -11.28
N PHE A 202 22.58 5.78 -12.45
CA PHE A 202 23.32 6.08 -13.67
C PHE A 202 23.20 7.56 -14.03
N ALA A 203 24.35 8.24 -14.12
CA ALA A 203 24.36 9.65 -14.51
C ALA A 203 23.94 9.81 -15.97
N ASP A 204 24.17 8.78 -16.77
CA ASP A 204 23.89 8.88 -18.19
C ASP A 204 23.41 7.57 -18.82
N SER A 205 23.19 7.62 -20.13
CA SER A 205 22.66 6.50 -20.89
C SER A 205 23.70 5.42 -21.16
N ALA A 206 24.95 5.68 -20.81
CA ALA A 206 26.02 4.68 -20.92
C ALA A 206 26.19 3.94 -19.61
N ALA A 207 25.31 4.24 -18.65
CA ALA A 207 25.33 3.59 -17.35
C ALA A 207 26.57 3.92 -16.54
N HIS A 208 27.07 5.15 -16.68
CA HIS A 208 28.11 5.62 -15.78
C HIS A 208 27.49 5.91 -14.42
N LEU A 209 28.03 5.30 -13.37
CA LEU A 209 27.50 5.45 -12.01
C LEU A 209 27.55 6.91 -11.55
N ALA A 210 26.46 7.38 -10.95
CA ALA A 210 26.36 8.76 -10.51
C ALA A 210 26.92 8.95 -9.10
N LEU A 211 27.54 10.11 -8.88
CA LEU A 211 28.00 10.49 -7.55
C LEU A 211 27.13 11.62 -6.99
N ASP A 212 27.02 11.68 -5.67
CA ASP A 212 26.27 12.77 -5.03
C ASP A 212 27.15 14.00 -4.83
N GLU A 213 26.67 14.93 -3.99
CA GLU A 213 27.36 16.19 -3.78
C GLU A 213 28.68 16.02 -3.04
N THR A 214 28.73 15.04 -2.14
CA THR A 214 29.95 14.78 -1.37
C THR A 214 30.96 13.97 -2.16
N GLY A 215 30.53 13.39 -3.27
CA GLY A 215 31.41 12.56 -4.09
C GLY A 215 31.23 11.09 -3.79
N LYS A 216 30.16 10.76 -3.07
CA LYS A 216 29.86 9.37 -2.77
C LYS A 216 28.85 8.82 -3.78
N LEU A 217 28.81 7.50 -3.91
CA LEU A 217 27.91 6.86 -4.86
C LEU A 217 26.45 7.17 -4.51
N LEU A 218 25.74 7.71 -5.49
CA LEU A 218 24.34 8.10 -5.30
C LEU A 218 23.43 6.87 -5.22
N ARG A 219 22.42 6.95 -4.37
CA ARG A 219 21.50 5.84 -4.13
C ARG A 219 20.04 6.25 -4.32
N LYS A 220 19.26 5.36 -4.92
CA LYS A 220 17.81 5.53 -5.00
C LYS A 220 17.11 4.18 -4.81
N PRO A 221 15.80 4.21 -4.52
CA PRO A 221 15.03 2.99 -4.26
C PRO A 221 14.93 2.08 -5.48
N HIS A 222 14.92 0.77 -5.23
CA HIS A 222 14.82 -0.24 -6.28
C HIS A 222 13.37 -0.65 -6.51
N GLY A 223 12.45 -0.04 -5.77
CA GLY A 223 11.03 -0.32 -5.95
C GLY A 223 10.48 -1.42 -5.05
N HIS A 224 9.16 -1.53 -5.00
CA HIS A 224 8.52 -2.47 -4.08
C HIS A 224 8.70 -3.93 -4.47
N GLY A 225 9.23 -4.17 -5.67
CA GLY A 225 9.60 -5.51 -6.08
C GLY A 225 10.52 -6.20 -5.10
N ASP A 226 11.33 -5.40 -4.39
CA ASP A 226 12.23 -5.91 -3.35
C ASP A 226 11.55 -6.78 -2.30
N VAL A 227 10.25 -6.61 -2.11
CA VAL A 227 9.56 -7.32 -1.04
C VAL A 227 9.73 -8.84 -1.17
N HIS A 228 9.77 -9.34 -2.40
CA HIS A 228 9.84 -10.79 -2.61
C HIS A 228 11.24 -11.32 -2.28
N SER A 229 12.26 -10.56 -2.65
CA SER A 229 13.64 -10.90 -2.33
C SER A 229 13.86 -10.89 -0.83
N LEU A 230 13.39 -9.82 -0.18
CA LEU A 230 13.51 -9.68 1.27
C LEU A 230 12.89 -10.88 1.98
N ILE A 231 11.70 -11.28 1.55
CA ILE A 231 11.03 -12.43 2.14
C ILE A 231 11.80 -13.72 1.89
N TYR A 232 12.25 -13.92 0.66
CA TYR A 232 12.97 -15.13 0.31
C TYR A 232 14.21 -15.34 1.18
N ASN A 233 14.83 -14.24 1.59
CA ASN A 233 16.07 -14.30 2.36
C ASN A 233 15.89 -14.16 3.87
N ALA A 234 14.66 -13.93 4.29
CA ALA A 234 14.35 -13.79 5.71
C ALA A 234 14.33 -15.12 6.45
N THR A 235 14.86 -15.13 7.67
CA THR A 235 14.85 -16.31 8.52
C THR A 235 14.19 -16.01 9.85
N VAL A 236 13.83 -17.06 10.59
CA VAL A 236 13.17 -16.90 11.87
C VAL A 236 14.11 -17.21 13.03
N ALA A 251 17.51 -20.22 11.99
CA ALA A 251 18.19 -20.40 10.72
C ALA A 251 17.27 -21.00 9.67
N GLN A 252 15.98 -21.07 10.01
CA GLN A 252 14.97 -21.60 9.10
C GLN A 252 14.37 -20.47 8.27
N PRO A 253 14.16 -20.71 6.97
CA PRO A 253 13.53 -19.70 6.10
C PRO A 253 12.17 -19.29 6.65
N LEU A 254 11.88 -17.99 6.58
CA LEU A 254 10.62 -17.46 7.08
C LEU A 254 9.43 -18.20 6.48
N VAL A 255 9.43 -18.35 5.16
CA VAL A 255 8.30 -18.95 4.47
C VAL A 255 8.09 -20.42 4.85
N ASN A 256 9.16 -21.09 5.26
CA ASN A 256 9.07 -22.46 5.73
C ASN A 256 8.33 -22.52 7.08
N ASP A 257 8.62 -21.55 7.93
CA ASP A 257 7.98 -21.47 9.23
C ASP A 257 6.48 -21.29 9.05
N TRP A 258 6.10 -20.38 8.16
CA TRP A 258 4.69 -20.15 7.84
C TRP A 258 4.01 -21.42 7.36
N LEU A 259 4.62 -22.08 6.37
CA LEU A 259 4.07 -23.27 5.76
C LEU A 259 3.86 -24.37 6.80
N ALA A 260 4.86 -24.58 7.64
CA ALA A 260 4.81 -25.64 8.65
C ALA A 260 3.76 -25.37 9.73
N ALA A 261 3.47 -24.09 9.96
CA ALA A 261 2.51 -23.70 10.99
C ALA A 261 1.07 -23.75 10.48
N GLY A 262 0.90 -24.12 9.22
CA GLY A 262 -0.43 -24.30 8.66
C GLY A 262 -1.00 -23.11 7.90
N TYR A 263 -0.18 -22.10 7.67
CA TYR A 263 -0.66 -20.94 6.92
C TYR A 263 -0.87 -21.28 5.45
N GLU A 264 -1.90 -20.69 4.84
CA GLU A 264 -2.33 -21.12 3.51
C GLU A 264 -2.45 -20.01 2.47
N SER A 265 -2.42 -18.76 2.93
CA SER A 265 -2.53 -17.63 2.03
C SER A 265 -1.58 -16.52 2.46
N ILE A 266 -1.21 -15.68 1.50
CA ILE A 266 -0.43 -14.49 1.81
C ILE A 266 -0.95 -13.30 1.01
N VAL A 267 -1.11 -12.17 1.69
N VAL A 267 -1.14 -12.17 1.69
CA VAL A 267 -1.68 -10.96 1.10
CA VAL A 267 -1.67 -10.97 1.04
C VAL A 267 -0.75 -9.76 1.21
C VAL A 267 -0.72 -9.79 1.19
N PHE A 268 -0.64 -8.99 0.14
CA PHE A 268 0.22 -7.81 0.10
C PHE A 268 -0.63 -6.56 -0.02
N ILE A 269 -0.37 -5.58 0.83
CA ILE A 269 -1.17 -4.37 0.84
C ILE A 269 -0.30 -3.11 0.76
N GLN A 270 -0.90 -2.02 0.29
CA GLN A 270 -0.24 -0.72 0.18
C GLN A 270 -0.38 0.05 1.47
N ASP A 271 0.33 1.17 1.57
CA ASP A 271 0.45 1.84 2.86
C ASP A 271 -0.72 2.74 3.27
N THR A 272 -1.54 3.22 2.33
CA THR A 272 -2.64 4.10 2.72
C THR A 272 -3.98 3.82 2.07
N ASN A 273 -4.35 2.54 1.96
CA ASN A 273 -5.66 2.19 1.45
C ASN A 273 -6.43 1.37 2.48
N ALA A 274 -7.28 2.03 3.25
CA ALA A 274 -8.02 1.37 4.32
C ALA A 274 -9.00 0.34 3.79
N GLY A 275 -9.35 0.45 2.50
CA GLY A 275 -10.34 -0.43 1.90
C GLY A 275 -9.94 -1.91 1.89
N ALA A 276 -8.66 -2.17 2.04
CA ALA A 276 -8.12 -3.53 1.99
C ALA A 276 -8.73 -4.46 3.03
N THR A 277 -9.12 -3.91 4.18
CA THR A 277 -9.70 -4.72 5.25
C THR A 277 -11.10 -5.19 4.87
N ILE A 278 -11.67 -4.53 3.88
CA ILE A 278 -12.96 -4.95 3.34
C ILE A 278 -12.81 -5.93 2.18
N THR A 279 -11.90 -5.63 1.25
CA THR A 279 -11.76 -6.46 0.04
C THR A 279 -11.13 -7.83 0.30
N ILE A 280 -10.16 -7.88 1.21
CA ILE A 280 -9.38 -9.10 1.44
C ILE A 280 -10.21 -10.36 1.74
N PRO A 281 -11.15 -10.30 2.71
CA PRO A 281 -11.95 -11.49 3.01
C PRO A 281 -12.66 -12.01 1.76
N ILE A 282 -13.22 -11.09 0.98
CA ILE A 282 -13.90 -11.47 -0.25
C ILE A 282 -12.94 -12.14 -1.24
N SER A 283 -11.76 -11.55 -1.42
CA SER A 283 -10.79 -12.08 -2.39
C SER A 283 -10.33 -13.47 -1.98
N LEU A 284 -10.10 -13.66 -0.68
CA LEU A 284 -9.70 -14.97 -0.16
C LEU A 284 -10.76 -16.02 -0.47
N ALA A 285 -12.02 -15.67 -0.22
CA ALA A 285 -13.13 -16.59 -0.46
C ALA A 285 -13.21 -16.96 -1.94
N LEU A 286 -13.06 -15.97 -2.80
CA LEU A 286 -13.11 -16.19 -4.24
C LEU A 286 -11.89 -16.95 -4.78
N SER A 287 -10.73 -16.72 -4.16
CA SER A 287 -9.52 -17.45 -4.53
C SER A 287 -9.68 -18.93 -4.27
N ALA A 288 -10.31 -19.27 -3.14
CA ALA A 288 -10.60 -20.65 -2.80
C ALA A 288 -11.67 -21.23 -3.71
N GLU A 289 -12.72 -20.45 -3.92
CA GLU A 289 -13.84 -20.91 -4.72
C GLU A 289 -13.44 -21.20 -6.17
N HIS A 290 -12.48 -20.43 -6.68
CA HIS A 290 -12.07 -20.57 -8.07
C HIS A 290 -10.62 -21.04 -8.20
N SER A 291 -10.11 -21.66 -7.15
CA SER A 291 -8.75 -22.18 -7.15
C SER A 291 -7.74 -21.22 -7.77
N LEU A 292 -7.72 -19.98 -7.28
CA LEU A 292 -6.78 -18.97 -7.78
C LEU A 292 -5.47 -18.96 -7.00
N ASP A 293 -4.37 -19.12 -7.72
CA ASP A 293 -3.04 -19.04 -7.14
C ASP A 293 -2.65 -17.60 -6.88
N MET A 294 -2.90 -16.74 -7.86
CA MET A 294 -2.76 -15.31 -7.66
C MET A 294 -4.05 -14.59 -8.01
N ASN A 295 -4.45 -13.67 -7.14
CA ASN A 295 -5.69 -12.94 -7.28
C ASN A 295 -5.47 -11.44 -7.14
N PHE A 296 -5.51 -10.71 -8.26
CA PHE A 296 -5.37 -9.26 -8.26
C PHE A 296 -6.64 -8.58 -7.79
N THR A 297 -6.55 -7.74 -6.78
CA THR A 297 -7.68 -6.91 -6.37
C THR A 297 -7.87 -5.77 -7.36
N CYS A 298 -9.04 -5.72 -7.99
CA CYS A 298 -9.28 -4.75 -9.06
C CYS A 298 -10.51 -3.88 -8.83
N ILE A 299 -10.62 -2.83 -9.63
CA ILE A 299 -11.81 -1.99 -9.68
C ILE A 299 -12.02 -1.60 -11.14
N PRO A 300 -13.27 -1.26 -11.52
CA PRO A 300 -13.44 -0.77 -12.89
C PRO A 300 -12.69 0.56 -13.04
N ARG A 301 -11.92 0.71 -14.10
CA ARG A 301 -11.09 1.90 -14.24
C ARG A 301 -11.54 2.82 -15.37
N VAL A 302 -11.41 4.13 -15.14
CA VAL A 302 -11.64 5.11 -16.18
C VAL A 302 -10.33 5.38 -16.91
N PRO A 303 -10.37 5.36 -18.26
CA PRO A 303 -9.19 5.52 -19.12
C PRO A 303 -8.24 6.65 -18.69
N LYS A 304 -8.76 7.62 -17.94
CA LYS A 304 -7.92 8.70 -17.43
C LYS A 304 -7.49 8.43 -15.99
N GLU A 305 -6.71 7.38 -15.80
CA GLU A 305 -6.32 6.97 -14.45
C GLU A 305 -4.89 6.45 -14.37
N PRO A 306 -4.12 6.98 -13.40
CA PRO A 306 -2.76 6.52 -13.10
C PRO A 306 -2.80 5.17 -12.37
N ILE A 307 -3.66 4.28 -12.82
CA ILE A 307 -3.73 2.92 -12.29
C ILE A 307 -3.54 1.91 -13.43
N GLY A 308 -2.80 0.84 -13.15
CA GLY A 308 -2.53 -0.16 -14.17
C GLY A 308 -3.74 -1.01 -14.52
N LEU A 309 -3.66 -1.72 -15.64
CA LEU A 309 -4.73 -2.59 -16.08
C LEU A 309 -4.32 -4.05 -16.01
N LEU A 310 -5.22 -4.90 -15.52
CA LEU A 310 -4.96 -6.33 -15.49
C LEU A 310 -5.28 -6.92 -16.86
N CYS A 311 -4.24 -7.41 -17.55
CA CYS A 311 -4.38 -7.85 -18.92
C CYS A 311 -3.80 -9.25 -19.12
N ARG A 312 -4.40 -10.00 -20.04
CA ARG A 312 -3.81 -11.24 -20.52
C ARG A 312 -2.84 -10.87 -21.63
N THR A 313 -1.55 -11.07 -21.38
CA THR A 313 -0.53 -10.58 -22.29
C THR A 313 0.22 -11.69 -22.99
N LYS A 314 0.78 -11.36 -24.14
CA LYS A 314 1.68 -12.25 -24.85
C LYS A 314 2.75 -11.37 -25.49
N LYS A 315 3.96 -11.43 -24.94
CA LYS A 315 5.05 -10.55 -25.37
C LYS A 315 5.46 -10.79 -26.82
N ASN A 316 5.68 -12.04 -27.18
CA ASN A 316 6.00 -12.39 -28.55
C ASN A 316 5.00 -13.40 -29.10
N SER A 317 4.77 -13.35 -30.41
CA SER A 317 3.73 -14.17 -31.05
C SER A 317 3.87 -15.66 -30.78
N GLY A 318 5.03 -16.07 -30.29
CA GLY A 318 5.28 -17.47 -30.00
C GLY A 318 5.12 -17.84 -28.53
N ASP A 319 5.02 -16.84 -27.66
CA ASP A 319 4.95 -17.06 -26.22
C ASP A 319 3.58 -17.58 -25.76
N PRO A 320 3.52 -18.05 -24.50
CA PRO A 320 2.25 -18.36 -23.83
C PRO A 320 1.64 -17.08 -23.25
N TRP A 321 0.33 -17.06 -23.08
CA TRP A 321 -0.32 -15.93 -22.42
C TRP A 321 0.20 -15.79 -20.99
N LEU A 322 0.42 -14.56 -20.56
CA LEU A 322 0.72 -14.26 -19.17
C LEU A 322 -0.32 -13.30 -18.63
N VAL A 323 -0.83 -13.58 -17.44
CA VAL A 323 -1.74 -12.65 -16.77
C VAL A 323 -0.93 -11.76 -15.86
N ALA A 324 -0.95 -10.47 -16.14
CA ALA A 324 -0.12 -9.53 -15.41
C ALA A 324 -0.65 -8.10 -15.53
N ASN A 325 -0.22 -7.25 -14.59
CA ASN A 325 -0.53 -5.84 -14.61
C ASN A 325 0.22 -5.11 -15.72
N VAL A 326 -0.47 -4.26 -16.46
CA VAL A 326 0.17 -3.43 -17.48
C VAL A 326 0.00 -1.98 -17.09
N GLU A 327 1.10 -1.33 -16.73
CA GLU A 327 1.05 0.05 -16.26
C GLU A 327 0.34 0.98 -17.23
N TYR A 328 -0.29 2.02 -16.69
CA TYR A 328 -1.12 2.93 -17.48
C TYR A 328 -0.39 3.55 -18.66
N ASN A 329 0.76 4.16 -18.39
CA ASN A 329 1.55 4.79 -19.45
C ASN A 329 1.86 3.81 -20.57
N VAL A 330 2.19 2.58 -20.21
CA VAL A 330 2.52 1.55 -21.19
C VAL A 330 1.31 1.19 -22.05
N PHE A 331 0.17 0.97 -21.41
CA PHE A 331 -1.04 0.58 -22.14
C PHE A 331 -1.43 1.65 -23.13
N ALA A 332 -1.24 2.91 -22.73
CA ALA A 332 -1.50 4.04 -23.62
C ALA A 332 -0.62 3.92 -24.87
N GLU A 333 0.69 3.89 -24.65
CA GLU A 333 1.65 3.78 -25.75
C GLU A 333 1.39 2.53 -26.59
N VAL A 334 1.21 1.40 -25.92
CA VAL A 334 1.01 0.12 -26.60
C VAL A 334 -0.17 0.15 -27.58
N SER A 335 -1.28 0.74 -27.15
CA SER A 335 -2.51 0.72 -27.92
C SER A 335 -2.37 1.34 -29.31
N ARG A 336 -1.87 2.57 -29.36
CA ARG A 336 -1.85 3.34 -30.61
C ARG A 336 -1.20 2.63 -31.78
N ALA A 337 -0.18 1.81 -31.50
CA ALA A 337 0.60 1.19 -32.55
C ALA A 337 -0.04 -0.07 -33.16
N LEU A 338 -0.80 -0.81 -32.35
CA LEU A 338 -1.21 -2.14 -32.75
C LEU A 338 -2.70 -2.45 -32.57
N ASN A 339 -3.56 -1.49 -32.89
CA ASN A 339 -5.00 -1.75 -32.84
C ASN A 339 -5.39 -2.87 -33.81
N LYS A 340 -5.78 -4.01 -33.26
CA LYS A 340 -6.16 -5.15 -34.08
C LYS A 340 -7.53 -5.68 -33.69
N ASP A 341 -8.40 -5.85 -34.68
CA ASP A 341 -9.77 -6.30 -34.45
C ASP A 341 -9.80 -7.77 -34.06
N GLY A 351 -18.71 3.23 -18.45
CA GLY A 351 -17.75 3.79 -19.40
C GLY A 351 -16.32 3.61 -18.94
N PHE A 352 -15.98 2.39 -18.52
CA PHE A 352 -14.65 2.09 -18.05
C PHE A 352 -13.85 1.30 -19.09
N SER A 353 -12.55 1.16 -18.86
CA SER A 353 -11.71 0.32 -19.70
C SER A 353 -12.28 -1.08 -19.72
N PRO A 354 -12.06 -1.83 -20.81
CA PRO A 354 -12.51 -3.22 -20.81
C PRO A 354 -11.81 -3.95 -19.67
N PHE A 355 -10.49 -3.78 -19.64
CA PHE A 355 -9.65 -4.45 -18.65
C PHE A 355 -9.79 -3.81 -17.27
N PRO A 356 -9.70 -4.64 -16.22
CA PRO A 356 -9.83 -4.15 -14.85
C PRO A 356 -8.60 -3.34 -14.44
N GLY A 357 -8.78 -2.43 -13.49
CA GLY A 357 -7.67 -1.69 -12.92
C GLY A 357 -7.20 -2.33 -11.63
N SER A 358 -5.91 -2.60 -11.53
CA SER A 358 -5.35 -3.25 -10.36
C SER A 358 -4.99 -2.24 -9.28
N VAL A 359 -5.46 -2.48 -8.07
CA VAL A 359 -5.20 -1.56 -6.95
C VAL A 359 -3.98 -1.98 -6.13
N ASN A 360 -3.36 -3.09 -6.53
CA ASN A 360 -2.17 -3.61 -5.85
C ASN A 360 -2.44 -4.10 -4.42
N THR A 361 -3.62 -4.66 -4.22
CA THR A 361 -3.82 -5.56 -3.09
C THR A 361 -3.70 -6.96 -3.69
N LEU A 362 -2.63 -7.67 -3.34
CA LEU A 362 -2.32 -8.94 -3.97
C LEU A 362 -2.58 -10.12 -3.03
N VAL A 363 -3.36 -11.08 -3.50
CA VAL A 363 -3.75 -12.23 -2.70
C VAL A 363 -3.21 -13.53 -3.32
N PHE A 364 -2.44 -14.29 -2.54
CA PHE A 364 -1.81 -15.51 -3.05
C PHE A 364 -2.19 -16.74 -2.25
N LYS A 365 -2.20 -17.88 -2.94
CA LYS A 365 -2.16 -19.16 -2.27
C LYS A 365 -0.72 -19.32 -1.83
N LEU A 366 -0.50 -19.50 -0.53
CA LEU A 366 0.84 -19.46 0.01
C LEU A 366 1.78 -20.50 -0.61
N SER A 367 1.30 -21.73 -0.75
CA SER A 367 2.14 -22.79 -1.29
C SER A 367 2.64 -22.42 -2.69
N SER A 368 1.77 -21.82 -3.50
CA SER A 368 2.13 -21.43 -4.86
C SER A 368 3.13 -20.30 -4.83
N TYR A 369 2.88 -19.33 -3.95
CA TYR A 369 3.79 -18.20 -3.79
C TYR A 369 5.19 -18.71 -3.45
N VAL A 370 5.26 -19.59 -2.46
CA VAL A 370 6.56 -20.10 -2.01
C VAL A 370 7.31 -20.82 -3.14
N ASP A 371 6.60 -21.66 -3.90
CA ASP A 371 7.24 -22.38 -5.01
C ASP A 371 7.89 -21.41 -5.98
N ARG A 372 7.14 -20.39 -6.38
CA ARG A 372 7.67 -19.38 -7.29
C ARG A 372 8.80 -18.60 -6.64
N LEU A 373 8.66 -18.34 -5.34
CA LEU A 373 9.68 -17.61 -4.59
C LEU A 373 11.01 -18.37 -4.62
N ARG A 374 10.95 -19.65 -4.25
CA ARG A 374 12.14 -20.49 -4.20
C ARG A 374 12.80 -20.63 -5.58
N GLU A 375 11.98 -20.75 -6.62
CA GLU A 375 12.46 -20.88 -7.99
C GLU A 375 13.21 -19.63 -8.48
N SER A 376 12.73 -18.45 -8.06
CA SER A 376 13.27 -17.20 -8.57
C SER A 376 14.17 -16.50 -7.57
N HIS A 377 14.27 -17.02 -6.36
CA HIS A 377 14.97 -16.34 -5.28
C HIS A 377 14.31 -14.98 -5.03
N GLY A 378 13.03 -14.88 -5.39
CA GLY A 378 12.28 -13.65 -5.18
C GLY A 378 12.67 -12.54 -6.12
N ILE A 379 13.49 -12.86 -7.12
CA ILE A 379 13.86 -11.90 -8.16
C ILE A 379 12.77 -11.81 -9.22
N VAL A 380 12.32 -10.59 -9.50
CA VAL A 380 11.32 -10.36 -10.54
C VAL A 380 11.91 -9.48 -11.65
N PRO A 381 11.32 -9.54 -12.85
CA PRO A 381 11.80 -8.75 -13.98
C PRO A 381 11.99 -7.29 -13.60
N GLU A 382 13.01 -6.64 -14.15
CA GLU A 382 13.33 -5.26 -13.81
C GLU A 382 13.07 -4.34 -14.98
N PHE A 383 13.09 -3.03 -14.72
CA PHE A 383 12.97 -2.03 -15.76
C PHE A 383 13.71 -0.76 -15.36
N ILE A 384 13.83 0.17 -16.29
CA ILE A 384 14.37 1.50 -15.99
C ILE A 384 13.57 2.54 -16.76
N ASN A 385 13.29 3.66 -16.10
CA ASN A 385 12.43 4.69 -16.67
C ASN A 385 13.01 6.07 -16.41
N PRO A 386 14.12 6.40 -17.08
CA PRO A 386 14.84 7.66 -16.84
C PRO A 386 14.00 8.89 -17.17
N LYS A 387 14.24 9.97 -16.44
CA LYS A 387 13.61 11.26 -16.75
C LYS A 387 14.62 12.11 -17.52
N TYR A 388 14.26 12.47 -18.75
CA TYR A 388 15.17 13.24 -19.61
C TYR A 388 15.01 14.74 -19.48
N SER A 389 16.10 15.47 -19.74
CA SER A 389 16.08 16.92 -19.78
C SER A 389 15.37 17.39 -21.04
N ASP A 390 15.65 16.72 -22.16
CA ASP A 390 15.01 17.01 -23.44
C ASP A 390 14.59 15.72 -24.11
N GLU A 391 13.81 15.84 -25.18
CA GLU A 391 13.42 14.69 -25.96
C GLU A 391 14.60 14.24 -26.82
N THR A 392 15.40 15.22 -27.27
CA THR A 392 16.46 14.96 -28.24
C THR A 392 17.86 14.89 -27.64
N ARG A 393 18.16 15.79 -26.70
CA ARG A 393 19.50 15.85 -26.12
C ARG A 393 19.91 14.57 -25.37
N ARG A 394 18.92 13.75 -25.04
CA ARG A 394 19.19 12.42 -24.49
C ARG A 394 19.81 12.48 -23.09
N SER A 395 20.06 13.68 -22.60
CA SER A 395 20.66 13.87 -21.27
C SER A 395 19.62 13.65 -20.17
N PHE A 396 20.03 12.99 -19.08
CA PHE A 396 19.15 12.78 -17.93
C PHE A 396 18.95 14.09 -17.18
N LYS A 397 17.77 14.26 -16.58
CA LYS A 397 17.52 15.43 -15.74
C LYS A 397 17.99 15.10 -14.32
N LYS A 398 17.87 13.84 -13.95
CA LYS A 398 18.37 13.35 -12.67
C LYS A 398 18.75 11.88 -12.84
N PRO A 399 19.77 11.42 -12.10
CA PRO A 399 20.27 10.06 -12.27
C PRO A 399 19.16 9.03 -12.20
N ALA A 400 19.19 8.06 -13.11
CA ALA A 400 18.19 7.01 -13.15
C ALA A 400 18.69 5.79 -12.40
N ARG A 401 17.79 4.90 -12.02
CA ARG A 401 18.17 3.62 -11.45
C ARG A 401 17.21 2.54 -11.90
N ILE A 402 17.63 1.29 -11.73
CA ILE A 402 16.81 0.14 -12.07
C ILE A 402 15.74 -0.07 -10.99
N GLU A 403 14.52 -0.39 -11.42
CA GLU A 403 13.42 -0.62 -10.48
C GLU A 403 12.74 -1.96 -10.71
N SER A 404 11.84 -2.33 -9.80
CA SER A 404 11.03 -3.53 -9.91
C SER A 404 9.70 -3.34 -9.18
N LEU A 405 8.67 -4.06 -9.61
CA LEU A 405 7.33 -3.94 -9.03
C LEU A 405 6.95 -5.25 -8.36
N MET A 406 6.34 -5.17 -7.18
CA MET A 406 5.98 -6.39 -6.47
C MET A 406 4.96 -7.20 -7.26
N GLN A 407 4.10 -6.53 -8.01
CA GLN A 407 3.08 -7.25 -8.77
C GLN A 407 3.65 -8.02 -9.97
N ASP A 408 4.85 -7.67 -10.40
CA ASP A 408 5.44 -8.33 -11.57
C ASP A 408 5.88 -9.76 -11.28
N ILE A 409 5.64 -10.22 -10.05
CA ILE A 409 5.90 -11.61 -9.71
C ILE A 409 4.89 -12.49 -10.44
N ALA A 410 3.84 -11.87 -10.96
CA ALA A 410 2.81 -12.60 -11.70
C ALA A 410 3.38 -13.20 -12.97
N LEU A 411 4.50 -12.63 -13.43
CA LEU A 411 5.14 -13.08 -14.65
C LEU A 411 5.80 -14.44 -14.47
N LEU A 412 6.03 -14.82 -13.22
CA LEU A 412 6.69 -16.09 -12.92
C LEU A 412 5.67 -17.22 -12.81
N PHE A 413 4.40 -16.88 -12.97
CA PHE A 413 3.32 -17.85 -12.86
C PHE A 413 2.77 -18.20 -14.23
N SER A 414 3.32 -19.25 -14.84
CA SER A 414 2.87 -19.67 -16.16
C SER A 414 1.39 -20.05 -16.11
N GLU A 415 0.69 -19.78 -17.21
CA GLU A 415 -0.71 -20.13 -17.34
C GLU A 415 -0.91 -21.64 -17.42
N ASP A 416 0.18 -22.38 -17.60
CA ASP A 416 0.11 -23.83 -17.68
C ASP A 416 0.07 -24.49 -16.30
N ASP A 417 0.72 -23.86 -15.32
CA ASP A 417 0.85 -24.46 -14.01
C ASP A 417 0.01 -23.76 -12.96
N TYR A 418 -0.42 -22.54 -13.26
CA TYR A 418 -1.07 -21.71 -12.27
C TYR A 418 -2.32 -20.97 -12.77
N ARG A 419 -3.19 -20.63 -11.84
CA ARG A 419 -4.38 -19.85 -12.13
C ARG A 419 -4.24 -18.45 -11.55
N VAL A 420 -3.98 -17.47 -12.43
CA VAL A 420 -3.87 -16.08 -12.04
C VAL A 420 -5.08 -15.33 -12.54
N GLY A 421 -5.79 -14.67 -11.62
CA GLY A 421 -6.99 -13.97 -11.99
C GLY A 421 -7.18 -12.67 -11.23
N GLY A 422 -8.35 -12.06 -11.41
CA GLY A 422 -8.67 -10.81 -10.73
C GLY A 422 -10.08 -10.80 -10.20
N THR A 423 -10.27 -10.09 -9.09
CA THR A 423 -11.60 -9.87 -8.53
C THR A 423 -11.92 -8.39 -8.67
N VAL A 424 -13.11 -8.09 -9.17
CA VAL A 424 -13.50 -6.70 -9.39
C VAL A 424 -14.43 -6.18 -8.29
N PHE A 425 -13.99 -5.14 -7.61
CA PHE A 425 -14.77 -4.53 -6.54
C PHE A 425 -15.32 -3.18 -6.97
N GLU A 426 -16.26 -2.65 -6.19
CA GLU A 426 -16.74 -1.30 -6.37
C GLU A 426 -15.58 -0.30 -6.24
N ARG A 427 -15.62 0.78 -7.01
CA ARG A 427 -14.54 1.77 -6.98
C ARG A 427 -14.42 2.41 -5.59
N PHE A 428 -15.55 2.52 -4.89
CA PHE A 428 -15.58 3.17 -3.58
C PHE A 428 -14.67 2.49 -2.56
N SER A 429 -14.41 1.20 -2.74
CA SER A 429 -13.59 0.45 -1.79
C SER A 429 -12.10 0.74 -1.95
N TYR A 430 -11.77 1.54 -2.96
CA TYR A 430 -10.39 1.94 -3.23
C TYR A 430 -10.19 3.36 -2.70
N GLN A 431 -9.47 3.48 -1.59
CA GLN A 431 -9.40 4.75 -0.89
C GLN A 431 -7.97 5.19 -0.55
N PRO A 432 -7.07 5.24 -1.54
CA PRO A 432 -5.70 5.66 -1.27
C PRO A 432 -5.59 7.14 -0.94
N VAL A 433 -4.63 7.47 -0.08
CA VAL A 433 -4.27 8.86 0.18
C VAL A 433 -2.93 9.08 -0.52
N LYS A 434 -2.96 9.62 -1.73
CA LYS A 434 -1.75 9.65 -2.54
C LYS A 434 -1.43 11.01 -3.15
N ASN A 435 -2.42 11.89 -3.26
CA ASN A 435 -2.20 13.20 -3.86
C ASN A 435 -2.26 14.33 -2.84
N SER A 436 -1.47 15.37 -3.08
CA SER A 436 -1.57 16.59 -2.28
C SER A 436 -2.86 17.31 -2.61
N LEU A 437 -3.22 18.28 -1.77
CA LEU A 437 -4.44 19.06 -1.97
C LEU A 437 -4.42 19.77 -3.31
N GLU A 438 -3.28 20.36 -3.67
CA GLU A 438 -3.14 21.06 -4.95
C GLU A 438 -3.31 20.12 -6.13
N GLU A 439 -2.67 18.96 -6.07
CA GLU A 439 -2.84 17.94 -7.10
C GLU A 439 -4.31 17.54 -7.21
N ALA A 440 -4.96 17.30 -6.07
CA ALA A 440 -6.36 16.88 -6.07
C ALA A 440 -7.25 17.90 -6.76
N ALA A 441 -7.02 19.18 -6.46
CA ALA A 441 -7.74 20.26 -7.14
C ALA A 441 -7.62 20.12 -8.65
N GLY A 442 -6.37 20.08 -9.13
CA GLY A 442 -6.12 19.89 -10.54
C GLY A 442 -6.83 18.67 -11.10
N LEU A 443 -6.75 17.55 -10.39
CA LEU A 443 -7.38 16.32 -10.84
C LEU A 443 -8.89 16.45 -10.94
N VAL A 444 -9.51 16.93 -9.87
CA VAL A 444 -10.95 17.11 -9.84
C VAL A 444 -11.45 17.96 -11.02
N ALA A 445 -10.69 18.97 -11.39
CA ALA A 445 -11.05 19.82 -12.53
C ALA A 445 -11.12 19.02 -13.83
N GLN A 446 -10.20 18.07 -13.98
CA GLN A 446 -10.19 17.18 -15.14
C GLN A 446 -11.25 16.09 -15.03
N GLY A 447 -12.03 16.14 -13.95
CA GLY A 447 -13.07 15.15 -13.72
C GLY A 447 -12.55 13.85 -13.12
N ASN A 448 -11.32 13.88 -12.63
CA ASN A 448 -10.71 12.69 -12.05
C ASN A 448 -10.77 12.65 -10.52
N GLY A 449 -10.41 11.51 -9.95
CA GLY A 449 -10.45 11.31 -8.51
C GLY A 449 -9.37 12.06 -7.76
N ALA A 450 -9.73 12.62 -6.62
CA ALA A 450 -8.80 13.42 -5.83
C ALA A 450 -7.75 12.55 -5.13
N TYR A 451 -8.23 11.49 -4.47
CA TYR A 451 -7.37 10.58 -3.74
C TYR A 451 -6.36 11.31 -2.87
N CYS A 452 -6.85 12.29 -2.13
CA CYS A 452 -6.05 13.09 -1.21
C CYS A 452 -6.46 12.74 0.21
N ALA A 453 -5.88 13.40 1.20
CA ALA A 453 -6.19 13.12 2.60
C ALA A 453 -7.65 13.44 2.97
N ALA A 454 -8.18 14.52 2.39
CA ALA A 454 -9.56 14.93 2.64
C ALA A 454 -10.57 13.88 2.19
N THR A 455 -10.40 13.37 0.98
CA THR A 455 -11.33 12.37 0.43
C THR A 455 -11.10 11.00 1.05
N GLY A 456 -9.85 10.70 1.41
CA GLY A 456 -9.57 9.48 2.15
C GLY A 456 -10.29 9.43 3.48
N GLU A 457 -10.22 10.53 4.24
CA GLU A 457 -10.92 10.60 5.52
C GLU A 457 -12.43 10.53 5.31
N ALA A 458 -12.93 11.31 4.36
CA ALA A 458 -14.36 11.32 4.06
C ALA A 458 -14.88 9.93 3.65
N ALA A 459 -14.12 9.24 2.81
CA ALA A 459 -14.49 7.92 2.33
C ALA A 459 -14.57 6.88 3.47
N PHE A 460 -13.65 6.98 4.43
CA PHE A 460 -13.66 6.08 5.56
C PHE A 460 -14.93 6.23 6.39
N TYR A 461 -15.30 7.46 6.73
CA TYR A 461 -16.54 7.68 7.47
C TYR A 461 -17.74 7.15 6.68
N GLU A 462 -17.80 7.47 5.39
CA GLU A 462 -18.90 7.02 4.54
C GLU A 462 -18.96 5.49 4.48
N LEU A 463 -17.79 4.86 4.40
CA LEU A 463 -17.67 3.41 4.38
C LEU A 463 -18.31 2.77 5.61
N GLN A 464 -18.02 3.31 6.78
CA GLN A 464 -18.60 2.81 8.01
C GLN A 464 -20.11 2.91 7.94
N ARG A 465 -20.60 4.03 7.44
CA ARG A 465 -22.03 4.29 7.35
C ARG A 465 -22.74 3.35 6.38
N ARG A 466 -22.12 3.08 5.23
CA ARG A 466 -22.69 2.17 4.25
C ARG A 466 -22.76 0.75 4.79
N ARG A 467 -21.73 0.35 5.52
CA ARG A 467 -21.67 -0.98 6.12
C ARG A 467 -22.72 -1.13 7.23
N LEU A 468 -22.86 -0.10 8.04
CA LEU A 468 -23.80 -0.09 9.15
C LEU A 468 -25.23 -0.11 8.64
N LYS A 469 -25.50 0.69 7.62
CA LYS A 469 -26.83 0.70 7.02
C LYS A 469 -27.18 -0.67 6.44
N ALA A 470 -26.18 -1.38 5.93
CA ALA A 470 -26.39 -2.66 5.27
C ALA A 470 -26.97 -3.70 6.24
N ILE A 471 -26.77 -3.49 7.53
CA ILE A 471 -27.30 -4.40 8.55
C ILE A 471 -28.56 -3.85 9.21
N GLY A 472 -29.04 -2.71 8.73
CA GLY A 472 -30.31 -2.18 9.20
C GLY A 472 -30.27 -0.92 10.03
N LEU A 473 -29.08 -0.39 10.29
CA LEU A 473 -28.98 0.86 11.05
C LEU A 473 -29.63 1.97 10.25
N PRO A 474 -30.62 2.65 10.83
CA PRO A 474 -31.33 3.73 10.14
C PRO A 474 -30.53 5.03 10.14
N LEU A 475 -29.58 5.16 9.22
CA LEU A 475 -28.80 6.38 9.14
C LEU A 475 -29.35 7.29 8.04
N PHE A 476 -29.95 8.40 8.46
CA PHE A 476 -30.43 9.39 7.51
C PHE A 476 -29.51 10.59 7.54
N TYR A 477 -28.88 10.89 6.41
CA TYR A 477 -27.97 12.02 6.35
C TYR A 477 -27.88 12.60 4.95
N SER A 478 -27.63 13.90 4.90
CA SER A 478 -27.50 14.63 3.65
C SER A 478 -26.27 14.16 2.90
N SER A 479 -26.32 14.22 1.58
CA SER A 479 -25.14 13.93 0.76
C SER A 479 -24.33 15.20 0.47
N GLN A 480 -24.86 16.36 0.84
CA GLN A 480 -24.17 17.63 0.60
C GLN A 480 -22.86 17.71 1.36
N PRO A 481 -21.83 18.34 0.75
CA PRO A 481 -20.53 18.49 1.42
C PRO A 481 -20.65 19.45 2.60
N GLU A 482 -19.79 19.29 3.60
CA GLU A 482 -19.91 20.10 4.82
C GLU A 482 -18.75 21.07 4.99
N VAL A 483 -17.75 20.95 4.14
CA VAL A 483 -16.58 21.82 4.17
C VAL A 483 -15.99 21.83 2.76
N THR A 484 -15.37 22.95 2.38
CA THR A 484 -14.71 23.04 1.08
C THR A 484 -13.20 23.21 1.26
N VAL A 485 -12.41 22.46 0.50
CA VAL A 485 -10.96 22.51 0.64
C VAL A 485 -10.30 23.01 -0.65
N ALA A 486 -8.99 23.19 -0.59
CA ALA A 486 -8.21 23.60 -1.77
C ALA A 486 -8.78 24.83 -2.47
N LYS A 487 -8.87 25.94 -1.75
CA LYS A 487 -9.37 27.18 -2.31
C LYS A 487 -10.75 27.03 -2.94
N ASP A 488 -11.64 26.31 -2.25
CA ASP A 488 -13.02 26.14 -2.72
C ASP A 488 -13.09 25.32 -4.01
N ALA A 489 -12.13 24.41 -4.20
CA ALA A 489 -12.10 23.58 -5.41
C ALA A 489 -13.15 22.47 -5.35
N PHE A 490 -13.30 21.85 -4.19
CA PHE A 490 -14.29 20.82 -3.99
C PHE A 490 -14.62 20.67 -2.50
N GLY A 491 -15.71 19.98 -2.21
CA GLY A 491 -16.13 19.79 -0.84
C GLY A 491 -16.18 18.32 -0.46
N VAL A 492 -16.17 18.06 0.84
CA VAL A 492 -16.41 16.72 1.36
C VAL A 492 -17.35 16.85 2.56
N ARG A 493 -17.96 15.75 2.95
CA ARG A 493 -18.70 15.73 4.19
C ARG A 493 -18.10 14.65 5.07
N LEU A 494 -18.29 14.77 6.38
CA LEU A 494 -17.68 13.85 7.32
C LEU A 494 -18.73 13.17 8.19
N PHE A 495 -19.76 13.92 8.56
CA PHE A 495 -20.75 13.45 9.52
C PHE A 495 -21.89 12.69 8.84
N PRO A 496 -22.56 11.80 9.59
CA PRO A 496 -22.20 11.46 10.98
C PRO A 496 -20.93 10.63 11.04
N ILE A 497 -20.14 10.85 12.08
CA ILE A 497 -18.88 10.14 12.27
C ILE A 497 -19.12 8.96 13.22
N ILE A 498 -18.87 7.75 12.71
CA ILE A 498 -19.07 6.53 13.50
C ILE A 498 -17.84 5.65 13.36
N VAL A 499 -17.08 5.51 14.44
CA VAL A 499 -15.86 4.71 14.41
C VAL A 499 -15.82 3.68 15.53
N LEU A 500 -15.77 2.40 15.15
CA LEU A 500 -15.75 1.29 16.11
C LEU A 500 -14.38 0.63 16.06
N ASP A 501 -13.76 0.40 17.21
CA ASP A 501 -12.44 -0.23 17.18
C ASP A 501 -12.52 -1.73 16.94
N THR A 502 -11.37 -2.39 16.82
CA THR A 502 -11.33 -3.79 16.43
C THR A 502 -11.86 -4.74 17.51
N VAL A 503 -11.82 -4.31 18.77
CA VAL A 503 -12.39 -5.13 19.83
C VAL A 503 -13.91 -5.07 19.72
N CYS A 504 -14.44 -3.91 19.36
CA CYS A 504 -15.87 -3.73 19.22
C CYS A 504 -16.43 -4.44 17.98
N ALA A 505 -15.83 -4.14 16.83
CA ALA A 505 -16.36 -4.57 15.55
C ALA A 505 -15.68 -5.82 15.01
N SER A 506 -14.72 -6.34 15.78
CA SER A 506 -14.04 -7.58 15.39
C SER A 506 -13.46 -7.45 13.98
N SER A 507 -13.80 -8.37 13.10
CA SER A 507 -13.22 -8.38 11.75
C SER A 507 -13.80 -7.29 10.84
N GLY A 508 -14.92 -6.71 11.25
CA GLY A 508 -15.62 -5.75 10.42
C GLY A 508 -16.62 -6.36 9.43
N SER A 509 -16.80 -7.68 9.46
CA SER A 509 -17.80 -8.29 8.59
C SER A 509 -19.20 -7.78 8.98
N LEU A 510 -20.15 -7.89 8.06
CA LEU A 510 -21.52 -7.51 8.35
C LEU A 510 -22.07 -8.24 9.57
N ASP A 511 -21.76 -9.54 9.69
CA ASP A 511 -22.18 -10.32 10.85
C ASP A 511 -21.59 -9.74 12.14
N ASP A 512 -20.32 -9.38 12.10
CA ASP A 512 -19.65 -8.80 13.26
C ASP A 512 -20.25 -7.45 13.66
N LEU A 513 -20.64 -6.65 12.67
CA LEU A 513 -21.28 -5.37 12.94
C LEU A 513 -22.63 -5.58 13.58
N ALA A 514 -23.36 -6.60 13.09
CA ALA A 514 -24.67 -6.93 13.64
C ALA A 514 -24.61 -7.33 15.11
N ARG A 515 -23.46 -7.81 15.56
N ARG A 515 -23.47 -7.82 15.56
CA ARG A 515 -23.27 -8.15 16.96
CA ARG A 515 -23.29 -8.15 16.97
C ARG A 515 -23.24 -6.90 17.84
C ARG A 515 -23.27 -6.88 17.83
N VAL A 516 -22.73 -5.80 17.27
CA VAL A 516 -22.69 -4.54 17.99
C VAL A 516 -24.07 -3.89 18.02
N PHE A 517 -24.82 -4.04 16.93
CA PHE A 517 -26.18 -3.49 16.86
C PHE A 517 -27.24 -4.59 16.64
N PRO A 518 -27.61 -5.30 17.71
CA PRO A 518 -28.52 -6.46 17.67
C PRO A 518 -29.95 -6.09 17.26
N THR A 519 -30.38 -4.89 17.62
CA THR A 519 -31.70 -4.37 17.27
C THR A 519 -31.54 -2.98 16.67
N PRO A 520 -31.05 -2.91 15.43
CA PRO A 520 -30.59 -1.67 14.79
C PRO A 520 -31.65 -0.56 14.75
N GLU A 521 -32.92 -0.94 14.64
CA GLU A 521 -34.00 0.02 14.45
C GLU A 521 -34.25 0.87 15.70
N LYS A 522 -33.59 0.55 16.81
CA LYS A 522 -33.76 1.32 18.04
C LYS A 522 -32.57 2.26 18.27
N VAL A 523 -31.70 2.33 17.26
CA VAL A 523 -30.53 3.18 17.36
C VAL A 523 -30.65 4.32 16.35
N HIS A 524 -30.71 5.53 16.88
CA HIS A 524 -30.99 6.71 16.07
C HIS A 524 -29.89 7.75 16.19
N ILE A 525 -28.97 7.71 15.23
CA ILE A 525 -27.82 8.58 15.25
C ILE A 525 -28.05 9.74 14.29
N ASP A 526 -28.25 10.93 14.86
CA ASP A 526 -28.48 12.12 14.04
C ASP A 526 -27.32 12.39 13.11
N GLN A 527 -27.62 12.95 11.94
CA GLN A 527 -26.63 13.18 10.89
C GLN A 527 -25.43 14.03 11.33
N HIS A 528 -25.58 14.80 12.40
CA HIS A 528 -24.50 15.68 12.88
C HIS A 528 -23.72 15.06 14.04
N SER A 529 -24.08 13.84 14.42
CA SER A 529 -23.51 13.21 15.61
C SER A 529 -22.15 12.56 15.40
N THR A 530 -21.48 12.26 16.51
CA THR A 530 -20.22 11.54 16.53
C THR A 530 -20.33 10.39 17.51
N LEU A 531 -20.10 9.17 17.02
CA LEU A 531 -20.14 8.00 17.89
C LEU A 531 -18.84 7.22 17.82
N ILE A 532 -18.08 7.24 18.91
N ILE A 532 -18.09 7.25 18.91
CA ILE A 532 -16.82 6.52 19.00
CA ILE A 532 -16.83 6.52 19.01
C ILE A 532 -16.96 5.35 19.96
C ILE A 532 -17.04 5.34 19.95
N VAL A 533 -16.75 4.14 19.47
CA VAL A 533 -16.91 2.94 20.29
C VAL A 533 -15.61 2.13 20.42
N GLU A 534 -15.22 1.89 21.67
CA GLU A 534 -13.96 1.19 21.95
C GLU A 534 -14.22 0.02 22.87
N GLY A 535 -13.66 -1.14 22.56
CA GLY A 535 -13.78 -2.28 23.45
C GLY A 535 -15.05 -3.08 23.24
N ARG A 536 -15.31 -4.00 24.15
CA ARG A 536 -16.42 -4.93 24.05
C ARG A 536 -17.74 -4.24 24.38
N VAL A 537 -18.39 -3.74 23.34
CA VAL A 537 -19.62 -2.96 23.52
C VAL A 537 -20.74 -3.50 22.64
N ILE A 538 -21.94 -3.53 23.20
CA ILE A 538 -23.15 -3.85 22.44
C ILE A 538 -24.11 -2.70 22.63
N ILE A 539 -24.53 -2.09 21.53
CA ILE A 539 -25.48 -0.98 21.60
C ILE A 539 -26.86 -1.43 21.14
N GLU A 540 -27.78 -1.59 22.09
CA GLU A 540 -29.13 -2.09 21.79
C GLU A 540 -30.09 -0.99 21.37
N SER A 541 -30.02 0.15 22.05
CA SER A 541 -30.92 1.25 21.80
C SER A 541 -30.29 2.56 22.24
N LEU A 542 -30.32 3.56 21.37
CA LEU A 542 -29.62 4.82 21.61
C LEU A 542 -30.27 5.92 20.79
N GLU A 543 -30.36 7.11 21.38
CA GLU A 543 -30.72 8.31 20.64
C GLU A 543 -29.59 9.29 20.85
N LEU A 544 -28.86 9.61 19.78
CA LEU A 544 -27.66 10.43 19.89
C LEU A 544 -27.75 11.72 19.06
N TYR A 545 -27.74 12.85 19.76
CA TYR A 545 -27.68 14.16 19.14
C TYR A 545 -26.46 14.90 19.66
N GLY A 546 -25.29 14.55 19.14
CA GLY A 546 -24.04 15.11 19.64
C GLY A 546 -22.93 14.10 19.54
N ALA A 547 -21.90 14.25 20.38
CA ALA A 547 -20.76 13.35 20.34
C ALA A 547 -20.77 12.44 21.56
N LEU A 548 -20.48 11.17 21.32
CA LEU A 548 -20.50 10.17 22.36
C LEU A 548 -19.36 9.20 22.17
N THR A 549 -18.71 8.87 23.28
CA THR A 549 -17.74 7.77 23.27
C THR A 549 -18.23 6.70 24.23
N ILE A 550 -18.33 5.46 23.74
CA ILE A 550 -18.69 4.36 24.61
C ILE A 550 -17.52 3.41 24.74
N ARG A 551 -17.08 3.18 25.97
CA ARG A 551 -15.94 2.29 26.21
C ARG A 551 -16.36 1.02 26.93
N GLY A 552 -15.90 -0.12 26.43
CA GLY A 552 -16.10 -1.40 27.09
C GLY A 552 -14.77 -2.09 27.35
N PRO A 553 -14.82 -3.31 27.92
CA PRO A 553 -13.62 -4.07 28.26
C PRO A 553 -12.67 -4.20 27.06
N THR A 554 -11.37 -4.06 27.31
CA THR A 554 -10.37 -4.16 26.26
C THR A 554 -10.13 -5.61 25.87
N ASP A 555 -10.58 -6.52 26.73
CA ASP A 555 -10.49 -7.95 26.46
C ASP A 555 -11.67 -8.43 25.62
N SER A 556 -11.37 -8.96 24.44
CA SER A 556 -12.41 -9.42 23.52
C SER A 556 -13.26 -10.58 24.09
N MET A 557 -12.79 -11.17 25.19
CA MET A 557 -13.47 -12.32 25.78
C MET A 557 -14.22 -11.97 27.06
N ALA A 558 -14.14 -10.71 27.49
CA ALA A 558 -14.83 -10.28 28.70
C ALA A 558 -16.31 -9.99 28.45
N LEU A 559 -17.08 -9.85 29.53
CA LEU A 559 -18.49 -9.53 29.41
C LEU A 559 -18.72 -8.11 28.88
N PRO A 560 -19.57 -7.98 27.86
CA PRO A 560 -19.75 -6.72 27.11
C PRO A 560 -20.44 -5.62 27.92
N HIS A 561 -20.08 -4.38 27.64
CA HIS A 561 -20.82 -3.25 28.16
C HIS A 561 -22.02 -3.03 27.26
N VAL A 562 -23.21 -3.26 27.81
CA VAL A 562 -24.44 -3.17 27.04
C VAL A 562 -25.12 -1.81 27.24
N VAL A 563 -25.43 -1.15 26.14
CA VAL A 563 -26.11 0.13 26.18
C VAL A 563 -27.59 0.00 25.78
N ARG A 564 -28.48 0.35 26.69
CA ARG A 564 -29.92 0.34 26.42
C ARG A 564 -30.57 1.63 26.89
N ASN A 565 -31.57 2.08 26.15
CA ASN A 565 -32.34 3.26 26.50
C ASN A 565 -31.46 4.48 26.76
N ALA A 566 -30.38 4.62 26.00
CA ALA A 566 -29.50 5.77 26.14
C ALA A 566 -30.03 6.97 25.35
N VAL A 567 -29.95 8.15 25.96
CA VAL A 567 -30.26 9.40 25.27
C VAL A 567 -29.15 10.40 25.57
N VAL A 568 -28.49 10.87 24.52
CA VAL A 568 -27.37 11.79 24.68
C VAL A 568 -27.54 13.00 23.77
N ARG A 569 -27.55 14.18 24.37
CA ARG A 569 -27.62 15.43 23.62
C ARG A 569 -26.50 16.35 24.06
N ASN A 570 -25.74 16.87 23.10
CA ASN A 570 -24.73 17.88 23.39
C ASN A 570 -24.29 18.61 22.13
N ALA A 571 -23.38 19.57 22.27
CA ALA A 571 -22.94 20.40 21.15
C ALA A 571 -22.22 19.57 20.08
N GLY A 572 -21.68 18.44 20.49
CA GLY A 572 -20.97 17.57 19.59
C GLY A 572 -19.79 18.23 18.92
N TRP A 573 -19.48 17.76 17.71
CA TRP A 573 -18.34 18.25 16.96
C TRP A 573 -18.79 19.06 15.76
N SER A 574 -17.85 19.76 15.16
CA SER A 574 -18.09 20.43 13.90
C SER A 574 -16.83 20.37 13.06
N VAL A 575 -16.90 20.86 11.82
CA VAL A 575 -15.73 20.91 10.96
C VAL A 575 -15.71 22.23 10.20
N HIS A 576 -14.53 22.77 9.96
CA HIS A 576 -14.42 23.96 9.13
C HIS A 576 -13.09 23.97 8.37
N ALA A 577 -13.07 24.73 7.28
CA ALA A 577 -11.91 24.77 6.41
C ALA A 577 -10.76 25.53 7.07
N ILE A 578 -9.54 25.13 6.75
CA ILE A 578 -8.38 25.91 7.14
C ILE A 578 -8.33 27.14 6.23
N LEU A 579 -8.32 28.32 6.85
CA LEU A 579 -8.38 29.58 6.11
C LEU A 579 -7.09 29.89 5.35
N SER A 580 -7.24 30.56 4.21
CA SER A 580 -6.11 30.98 3.38
C SER A 580 -5.13 31.87 4.15
N LEU A 581 -5.65 32.67 5.06
CA LEU A 581 -4.84 33.59 5.85
C LEU A 581 -3.67 32.88 6.50
N CYS A 582 -3.76 31.56 6.56
CA CYS A 582 -2.94 30.77 7.48
C CYS A 582 -1.43 31.02 7.53
N ALA A 583 -1.02 31.44 8.72
CA ALA A 583 0.35 31.66 9.12
C ALA A 583 0.17 32.18 10.53
N GLY A 584 1.22 32.17 11.34
CA GLY A 584 1.12 32.77 12.67
C GLY A 584 1.47 31.87 13.83
N ARG A 585 2.13 32.47 14.82
CA ARG A 585 2.56 31.76 16.01
C ARG A 585 1.37 31.46 16.91
N ASP A 586 1.60 30.67 17.96
CA ASP A 586 0.51 30.14 18.77
C ASP A 586 -0.46 29.38 17.87
N SER A 587 0.09 28.73 16.86
CA SER A 587 -0.69 27.92 15.94
C SER A 587 -0.53 26.45 16.26
N ARG A 588 -1.68 25.71 16.07
CA ARG A 588 -1.68 24.29 16.38
C ARG A 588 -1.96 23.47 15.12
N LEU A 589 -1.96 24.13 13.96
CA LEU A 589 -2.12 23.42 12.70
C LEU A 589 -0.85 22.67 12.38
N SER A 590 -0.99 21.38 12.13
CA SER A 590 0.13 20.53 11.77
C SER A 590 -0.01 20.18 10.29
N GLU A 591 1.00 19.50 9.74
CA GLU A 591 0.93 19.00 8.38
C GLU A 591 -0.28 18.09 8.19
N VAL A 592 -0.58 17.28 9.19
CA VAL A 592 -1.75 16.40 9.14
C VAL A 592 -3.02 17.18 8.83
N ASP A 593 -3.16 18.34 9.45
CA ASP A 593 -4.28 19.22 9.19
C ASP A 593 -4.21 19.82 7.78
N ARG A 594 -3.07 20.42 7.45
N ARG A 594 -3.07 20.44 7.46
CA ARG A 594 -2.93 21.14 6.19
CA ARG A 594 -2.93 21.14 6.19
C ARG A 594 -3.12 20.26 4.96
C ARG A 594 -3.14 20.26 4.96
N ILE A 595 -2.72 19.00 5.03
CA ILE A 595 -2.84 18.12 3.87
C ILE A 595 -4.28 17.71 3.56
N ARG A 596 -5.19 17.95 4.50
CA ARG A 596 -6.60 17.68 4.26
C ARG A 596 -7.45 18.95 4.13
N GLY A 597 -6.91 20.07 4.61
CA GLY A 597 -7.54 21.36 4.38
C GLY A 597 -8.68 21.69 5.31
N PHE A 598 -8.88 20.87 6.34
CA PHE A 598 -9.92 21.16 7.30
C PHE A 598 -9.51 20.72 8.70
N VAL A 599 -10.35 21.08 9.68
CA VAL A 599 -10.08 20.75 11.06
C VAL A 599 -11.37 20.39 11.77
N LEU A 600 -11.36 19.27 12.47
CA LEU A 600 -12.48 18.93 13.33
C LEU A 600 -12.38 19.74 14.61
N LYS A 601 -13.49 20.38 14.99
CA LYS A 601 -13.60 21.01 16.30
C LYS A 601 -14.34 20.06 17.23
N LYS A 602 -13.60 19.44 18.14
CA LYS A 602 -14.16 18.45 19.06
C LYS A 602 -14.67 19.16 20.30
N THR A 603 -15.74 19.94 20.10
CA THR A 603 -16.27 20.84 21.13
C THR A 603 -16.75 20.13 22.39
N ALA A 604 -17.62 19.13 22.24
CA ALA A 604 -18.14 18.41 23.39
C ALA A 604 -18.11 16.90 23.18
N MET A 605 -18.15 16.15 24.27
CA MET A 605 -18.07 14.71 24.19
C MET A 605 -18.61 14.05 25.45
N ALA A 606 -19.68 13.29 25.30
CA ALA A 606 -20.16 12.45 26.39
C ALA A 606 -19.35 11.16 26.40
N VAL A 607 -19.07 10.65 27.59
CA VAL A 607 -18.36 9.39 27.72
C VAL A 607 -19.14 8.40 28.58
N MET A 608 -19.33 7.20 28.06
CA MET A 608 -19.96 6.12 28.82
C MET A 608 -18.97 4.97 29.00
N ASP A 609 -18.49 4.81 30.24
CA ASP A 609 -17.53 3.75 30.57
C ASP A 609 -18.21 2.61 31.30
N CYS A 610 -17.39 1.71 31.86
CA CYS A 610 -17.87 0.60 32.67
C CYS A 610 -18.93 -0.23 31.97
#